data_7CFJ
#
_entry.id   7CFJ
#
_cell.length_a   36.006
_cell.length_b   55.557
_cell.length_c   74.897
_cell.angle_alpha   90.00
_cell.angle_beta   103.88
_cell.angle_gamma   90.00
#
_symmetry.space_group_name_H-M   'P 1 21 1'
#
loop_
_entity.id
_entity.type
_entity.pdbx_description
1 polymer 'Class A sortase'
2 water water
#
_entity_poly.entity_id   1
_entity_poly.type   'polypeptide(L)'
_entity_poly.pdbx_seq_one_letter_code
;MGSSHHHHHHSSGLVPRGSHAALTRNLHPIGKIAITSVHLKLPILKGLSNDNLSAGAGTMKADQKMGEGNYALAGHYMTN
QGILFSPLKNVQTGDTVAITNMKKVYTYKVTTKQIVNETQVQWIDDVAGKKLITLVTCASPTEGEVDRIIVQGELQSVKK
ANQKNLKIFL
;
_entity_poly.pdbx_strand_id   A,B
#
# COMPACT_ATOMS: atom_id res chain seq x y z
N ASN A 26 8.90 -0.17 6.12
CA ASN A 26 8.66 0.96 5.13
C ASN A 26 7.65 0.52 4.06
N LEU A 27 6.80 -0.45 4.38
CA LEU A 27 5.68 -0.87 3.51
C LEU A 27 4.37 -0.27 4.05
N HIS A 28 4.38 0.23 5.30
CA HIS A 28 3.31 1.04 5.94
C HIS A 28 2.04 0.20 6.10
N PRO A 29 1.98 -0.68 7.11
CA PRO A 29 0.84 -1.58 7.27
C PRO A 29 -0.45 -0.82 7.57
N ILE A 30 -1.55 -1.35 7.05
CA ILE A 30 -2.92 -0.79 7.25
C ILE A 30 -3.67 -1.66 8.24
N GLY A 31 -3.07 -2.70 8.77
CA GLY A 31 -3.69 -3.54 9.80
C GLY A 31 -2.81 -4.71 10.23
N LYS A 32 -3.42 -5.67 10.95
CA LYS A 32 -2.78 -6.92 11.40
C LYS A 32 -3.84 -8.03 11.35
N ILE A 33 -3.41 -9.26 11.11
CA ILE A 33 -4.30 -10.47 11.04
C ILE A 33 -3.78 -11.47 12.06
N ALA A 34 -4.69 -12.13 12.77
CA ALA A 34 -4.37 -13.16 13.76
C ALA A 34 -5.24 -14.39 13.49
N ILE A 35 -4.58 -15.55 13.41
CA ILE A 35 -5.29 -16.86 13.43
C ILE A 35 -4.64 -17.67 14.54
N THR A 36 -5.29 -17.65 15.70
CA THR A 36 -4.76 -18.18 16.99
C THR A 36 -4.58 -19.70 16.83
N SER A 37 -5.47 -20.35 16.08
CA SER A 37 -5.50 -21.82 15.90
C SER A 37 -4.20 -22.33 15.26
N VAL A 38 -3.50 -21.50 14.48
CA VAL A 38 -2.24 -21.87 13.77
C VAL A 38 -1.14 -20.85 14.10
N HIS A 39 -1.28 -20.09 15.19
CA HIS A 39 -0.23 -19.19 15.73
C HIS A 39 0.25 -18.23 14.63
N LEU A 40 -0.65 -17.71 13.82
CA LEU A 40 -0.33 -16.73 12.76
C LEU A 40 -0.68 -15.33 13.26
N LYS A 41 0.28 -14.41 13.18
CA LYS A 41 0.07 -12.97 13.43
C LYS A 41 0.93 -12.19 12.44
N LEU A 42 0.30 -11.51 11.48
CA LEU A 42 1.01 -10.81 10.40
C LEU A 42 0.41 -9.44 10.17
N PRO A 43 1.21 -8.50 9.65
CA PRO A 43 0.68 -7.22 9.20
C PRO A 43 -0.20 -7.41 7.95
N ILE A 44 -1.21 -6.54 7.83
CA ILE A 44 -2.02 -6.39 6.60
C ILE A 44 -1.48 -5.17 5.86
N LEU A 45 -1.24 -5.32 4.57
CA LEU A 45 -0.63 -4.28 3.70
C LEU A 45 -1.54 -4.09 2.49
N LYS A 46 -1.48 -2.90 1.89
CA LYS A 46 -2.35 -2.56 0.73
C LYS A 46 -1.71 -2.98 -0.57
N GLY A 47 -2.41 -3.84 -1.31
CA GLY A 47 -1.93 -4.34 -2.61
C GLY A 47 -1.04 -5.56 -2.47
N LEU A 48 -0.76 -6.21 -3.61
CA LEU A 48 -0.03 -7.49 -3.73
C LEU A 48 1.35 -7.24 -4.36
N SER A 49 2.07 -6.19 -3.93
CA SER A 49 3.51 -6.03 -4.23
C SER A 49 4.22 -7.27 -3.72
N ASN A 50 5.34 -7.65 -4.33
CA ASN A 50 6.09 -8.86 -3.93
C ASN A 50 6.51 -8.65 -2.49
N ASP A 51 6.90 -7.42 -2.13
CA ASP A 51 7.36 -7.07 -0.75
C ASP A 51 6.24 -7.35 0.26
N ASN A 52 5.01 -6.87 -0.04
CA ASN A 52 3.80 -7.07 0.80
C ASN A 52 3.54 -8.57 0.98
N LEU A 53 3.57 -9.35 -0.10
CA LEU A 53 3.31 -10.82 -0.09
C LEU A 53 4.42 -11.55 0.68
N SER A 54 5.61 -10.96 0.81
CA SER A 54 6.77 -11.58 1.52
C SER A 54 6.76 -11.20 3.00
N ALA A 55 6.00 -10.16 3.37
CA ALA A 55 6.02 -9.56 4.73
C ALA A 55 4.76 -9.92 5.51
N GLY A 56 3.64 -10.17 4.82
CA GLY A 56 2.36 -10.51 5.47
C GLY A 56 1.24 -10.70 4.46
N ALA A 57 0.04 -10.22 4.82
CA ALA A 57 -1.19 -10.39 4.02
C ALA A 57 -1.45 -9.13 3.21
N GLY A 58 -1.51 -9.25 1.89
CA GLY A 58 -1.78 -8.11 0.99
C GLY A 58 -3.24 -8.10 0.57
N THR A 59 -3.87 -6.92 0.54
CA THR A 59 -5.27 -6.76 0.07
C THR A 59 -5.33 -7.05 -1.43
N MET A 60 -6.19 -7.97 -1.86
CA MET A 60 -6.23 -8.46 -3.25
C MET A 60 -7.06 -7.52 -4.14
N LYS A 61 -7.94 -6.70 -3.55
CA LYS A 61 -8.81 -5.74 -4.28
C LYS A 61 -8.62 -4.32 -3.73
N ALA A 62 -8.65 -3.33 -4.62
CA ALA A 62 -8.40 -1.91 -4.27
C ALA A 62 -9.51 -1.41 -3.34
N ASP A 63 -10.76 -1.74 -3.69
CA ASP A 63 -12.00 -1.30 -3.01
C ASP A 63 -12.61 -2.51 -2.30
N GLN A 64 -12.00 -2.87 -1.17
CA GLN A 64 -12.56 -3.76 -0.12
C GLN A 64 -12.41 -2.97 1.18
N LYS A 65 -13.26 -3.24 2.17
CA LYS A 65 -13.18 -2.68 3.54
C LYS A 65 -13.39 -3.85 4.51
N MET A 66 -12.70 -3.80 5.66
CA MET A 66 -12.83 -4.84 6.71
C MET A 66 -14.31 -4.94 7.11
N GLY A 67 -14.82 -6.16 7.22
CA GLY A 67 -16.20 -6.42 7.68
C GLY A 67 -17.24 -6.15 6.60
N GLU A 68 -16.81 -5.89 5.38
CA GLU A 68 -17.72 -5.60 4.23
C GLU A 68 -17.43 -6.63 3.12
N GLY A 69 -18.43 -6.90 2.27
CA GLY A 69 -18.41 -7.79 1.09
C GLY A 69 -17.52 -9.00 1.30
N ASN A 70 -16.53 -9.17 0.43
CA ASN A 70 -15.51 -10.25 0.53
C ASN A 70 -14.14 -9.58 0.66
N TYR A 71 -13.60 -9.55 1.87
CA TYR A 71 -12.25 -9.00 2.17
C TYR A 71 -11.19 -10.06 1.83
N ALA A 72 -10.46 -9.86 0.72
CA ALA A 72 -9.53 -10.86 0.15
C ALA A 72 -8.06 -10.50 0.49
N LEU A 73 -7.31 -11.48 1.00
CA LEU A 73 -5.91 -11.31 1.45
C LEU A 73 -5.09 -12.46 0.88
N ALA A 74 -3.95 -12.14 0.25
CA ALA A 74 -2.99 -13.12 -0.29
C ALA A 74 -1.65 -12.91 0.39
N GLY A 75 -0.96 -14.01 0.66
CA GLY A 75 0.42 -14.02 1.20
C GLY A 75 1.19 -15.19 0.64
N HIS A 76 2.51 -15.04 0.50
CA HIS A 76 3.40 -16.14 0.04
C HIS A 76 3.32 -17.30 1.05
N TYR A 77 3.36 -18.52 0.53
CA TYR A 77 3.40 -19.78 1.32
C TYR A 77 4.56 -19.68 2.31
N MET A 78 5.77 -19.42 1.79
CA MET A 78 7.03 -19.31 2.54
C MET A 78 7.86 -18.16 1.91
N THR A 79 8.76 -17.56 2.66
CA THR A 79 9.75 -16.56 2.17
C THR A 79 11.14 -17.20 2.24
N ASN A 80 12.17 -16.45 1.81
CA ASN A 80 13.60 -16.73 2.09
C ASN A 80 13.75 -16.95 3.60
N GLN A 81 13.21 -16.04 4.41
CA GLN A 81 13.22 -16.04 5.91
C GLN A 81 12.64 -17.35 6.45
N GLY A 82 11.50 -17.83 5.92
CA GLY A 82 10.85 -19.05 6.44
C GLY A 82 9.38 -19.15 6.05
N ILE A 83 8.54 -19.69 6.95
CA ILE A 83 7.07 -19.90 6.76
C ILE A 83 6.42 -18.53 6.89
N LEU A 84 5.39 -18.25 6.10
CA LEU A 84 4.58 -17.00 6.13
C LEU A 84 3.09 -17.36 6.21
N PHE A 85 2.43 -17.67 5.09
CA PHE A 85 0.97 -17.95 5.06
C PHE A 85 0.75 -19.46 4.91
N SER A 86 1.82 -20.23 4.97
CA SER A 86 1.70 -21.71 4.95
C SER A 86 0.73 -22.22 6.03
N PRO A 87 0.74 -21.74 7.30
CA PRO A 87 -0.23 -22.21 8.30
C PRO A 87 -1.68 -22.36 7.83
N LEU A 88 -2.07 -21.70 6.74
CA LEU A 88 -3.45 -21.78 6.20
C LEU A 88 -3.80 -23.24 5.92
N LYS A 89 -2.79 -24.05 5.55
CA LYS A 89 -2.99 -25.48 5.24
C LYS A 89 -3.51 -26.22 6.48
N ASN A 90 -3.27 -25.70 7.69
CA ASN A 90 -3.61 -26.38 8.95
C ASN A 90 -4.87 -25.77 9.58
N VAL A 91 -5.44 -24.74 8.98
CA VAL A 91 -6.70 -24.08 9.45
C VAL A 91 -7.89 -25.03 9.20
N GLN A 92 -8.80 -25.14 10.19
CA GLN A 92 -9.98 -26.06 10.16
C GLN A 92 -11.28 -25.27 10.12
N THR A 93 -12.30 -25.83 9.49
CA THR A 93 -13.67 -25.25 9.53
C THR A 93 -14.03 -25.06 11.01
N GLY A 94 -14.56 -23.89 11.35
CA GLY A 94 -14.92 -23.52 12.74
C GLY A 94 -13.88 -22.60 13.37
N ASP A 95 -12.62 -22.66 12.96
CA ASP A 95 -11.52 -21.79 13.48
C ASP A 95 -11.89 -20.31 13.27
N THR A 96 -11.40 -19.46 14.17
CA THR A 96 -11.66 -17.99 14.11
C THR A 96 -10.46 -17.30 13.46
N VAL A 97 -10.77 -16.32 12.64
CA VAL A 97 -9.79 -15.40 12.00
C VAL A 97 -10.17 -13.98 12.39
N ALA A 98 -9.23 -13.25 12.99
CA ALA A 98 -9.45 -11.85 13.41
C ALA A 98 -8.55 -10.90 12.61
N ILE A 99 -9.11 -9.80 12.15
CA ILE A 99 -8.34 -8.67 11.56
C ILE A 99 -8.72 -7.40 12.29
N THR A 100 -7.81 -6.42 12.29
CA THR A 100 -8.05 -5.07 12.87
C THR A 100 -7.33 -3.99 12.06
N ASN A 101 -7.94 -2.80 12.04
CA ASN A 101 -7.37 -1.55 11.48
C ASN A 101 -7.04 -0.62 12.64
N MET A 102 -7.07 -1.15 13.87
CA MET A 102 -6.83 -0.44 15.16
C MET A 102 -7.99 0.52 15.49
N LYS A 103 -9.08 0.48 14.72
CA LYS A 103 -10.36 1.15 15.05
C LYS A 103 -11.32 0.08 15.55
N LYS A 104 -11.56 -0.94 14.74
CA LYS A 104 -12.45 -2.08 15.08
C LYS A 104 -11.70 -3.41 14.87
N VAL A 105 -12.16 -4.45 15.56
CA VAL A 105 -11.65 -5.85 15.41
C VAL A 105 -12.78 -6.66 14.77
N TYR A 106 -12.50 -7.28 13.63
CA TYR A 106 -13.46 -8.11 12.89
C TYR A 106 -13.08 -9.57 13.08
N THR A 107 -13.96 -10.37 13.68
CA THR A 107 -13.72 -11.82 13.87
C THR A 107 -14.61 -12.61 12.90
N TYR A 108 -13.98 -13.52 12.15
CA TYR A 108 -14.63 -14.40 11.15
C TYR A 108 -14.56 -15.86 11.65
N LYS A 109 -15.52 -16.68 11.25
CA LYS A 109 -15.50 -18.14 11.47
C LYS A 109 -15.26 -18.81 10.13
N VAL A 110 -14.17 -19.59 10.01
CA VAL A 110 -13.82 -20.37 8.78
C VAL A 110 -14.97 -21.31 8.45
N THR A 111 -15.47 -21.23 7.22
CA THR A 111 -16.61 -22.04 6.73
C THR A 111 -16.13 -23.05 5.69
N THR A 112 -14.99 -22.80 5.05
CA THR A 112 -14.40 -23.79 4.11
C THR A 112 -12.89 -23.59 3.97
N LYS A 113 -12.19 -24.68 3.70
CA LYS A 113 -10.81 -24.68 3.16
C LYS A 113 -10.78 -25.58 1.91
N GLN A 114 -10.26 -25.05 0.79
CA GLN A 114 -10.12 -25.77 -0.52
C GLN A 114 -8.64 -25.72 -0.99
N ILE A 115 -8.20 -26.69 -1.79
CA ILE A 115 -7.06 -26.45 -2.73
C ILE A 115 -7.72 -26.24 -4.10
N VAL A 116 -7.52 -25.06 -4.70
CA VAL A 116 -8.12 -24.69 -6.02
C VAL A 116 -7.03 -24.23 -6.99
N ASN A 117 -7.34 -24.32 -8.28
CA ASN A 117 -6.47 -23.84 -9.38
C ASN A 117 -6.39 -22.31 -9.31
N GLU A 118 -5.25 -21.74 -9.69
CA GLU A 118 -5.01 -20.28 -9.68
C GLU A 118 -6.01 -19.55 -10.57
N THR A 119 -6.65 -20.24 -11.55
CA THR A 119 -7.61 -19.64 -12.51
C THR A 119 -8.91 -19.26 -11.82
N GLN A 120 -9.23 -19.83 -10.66
CA GLN A 120 -10.55 -19.69 -9.98
C GLN A 120 -10.66 -18.34 -9.24
N VAL A 121 -10.70 -17.24 -9.99
CA VAL A 121 -10.67 -15.84 -9.44
C VAL A 121 -11.96 -15.53 -8.67
N GLN A 122 -13.04 -16.29 -8.89
CA GLN A 122 -14.40 -16.06 -8.33
C GLN A 122 -14.37 -16.04 -6.80
N TRP A 123 -13.38 -16.68 -6.19
CA TRP A 123 -13.29 -16.86 -4.73
C TRP A 123 -13.12 -15.53 -4.00
N ILE A 124 -12.60 -14.50 -4.66
CA ILE A 124 -12.35 -13.18 -3.99
C ILE A 124 -13.50 -12.19 -4.27
N ASP A 125 -14.49 -12.58 -5.09
CA ASP A 125 -15.57 -11.65 -5.52
C ASP A 125 -16.51 -11.44 -4.33
N ASP A 126 -17.06 -10.22 -4.18
CA ASP A 126 -18.08 -9.94 -3.14
C ASP A 126 -19.24 -10.92 -3.37
N VAL A 127 -19.80 -11.48 -2.29
CA VAL A 127 -20.97 -12.39 -2.38
C VAL A 127 -22.15 -11.69 -1.72
N ALA A 128 -23.22 -11.45 -2.49
CA ALA A 128 -24.40 -10.65 -2.14
C ALA A 128 -25.04 -11.19 -0.84
N GLY A 129 -25.28 -10.29 0.13
CA GLY A 129 -25.91 -10.61 1.43
C GLY A 129 -25.01 -11.34 2.42
N LYS A 130 -23.72 -11.53 2.12
CA LYS A 130 -22.73 -12.25 2.99
C LYS A 130 -21.55 -11.32 3.28
N LYS A 131 -20.97 -11.40 4.48
CA LYS A 131 -19.72 -10.69 4.84
C LYS A 131 -18.62 -11.72 5.07
N LEU A 132 -17.65 -11.77 4.14
CA LEU A 132 -16.69 -12.89 4.02
C LEU A 132 -15.27 -12.35 4.13
N ILE A 133 -14.37 -13.22 4.59
CA ILE A 133 -12.90 -13.07 4.47
C ILE A 133 -12.39 -14.25 3.63
N THR A 134 -11.51 -13.98 2.68
CA THR A 134 -10.90 -15.01 1.80
C THR A 134 -9.39 -14.88 1.87
N LEU A 135 -8.73 -15.94 2.34
CA LEU A 135 -7.25 -16.00 2.51
C LEU A 135 -6.67 -16.91 1.44
N VAL A 136 -5.65 -16.43 0.74
CA VAL A 136 -5.08 -17.12 -0.43
C VAL A 136 -3.58 -17.27 -0.24
N THR A 137 -3.07 -18.46 -0.52
CA THR A 137 -1.61 -18.71 -0.63
C THR A 137 -1.39 -19.86 -1.62
N CYS A 138 -0.15 -20.01 -2.08
CA CYS A 138 0.27 -21.11 -2.98
C CYS A 138 0.04 -22.42 -2.23
N ALA A 139 -0.29 -23.49 -2.96
CA ALA A 139 -0.54 -24.83 -2.39
C ALA A 139 0.77 -25.47 -1.91
N SER A 140 1.92 -24.94 -2.34
CA SER A 140 3.28 -25.40 -1.93
C SER A 140 4.31 -24.31 -2.26
N PRO A 141 5.57 -24.46 -1.79
CA PRO A 141 6.62 -23.51 -2.12
C PRO A 141 7.33 -23.81 -3.46
N THR A 142 6.95 -24.90 -4.18
CA THR A 142 7.59 -25.36 -5.45
C THR A 142 7.40 -24.30 -6.54
N GLU A 143 8.44 -24.06 -7.35
CA GLU A 143 8.48 -23.10 -8.48
C GLU A 143 7.32 -23.40 -9.44
N GLY A 144 6.56 -22.37 -9.84
CA GLY A 144 5.44 -22.50 -10.78
C GLY A 144 4.30 -23.33 -10.22
N GLU A 145 4.00 -23.22 -8.93
CA GLU A 145 2.82 -23.88 -8.31
C GLU A 145 1.56 -23.21 -8.88
N VAL A 146 0.63 -24.00 -9.47
CA VAL A 146 -0.59 -23.47 -10.13
C VAL A 146 -1.79 -23.54 -9.17
N ASP A 147 -1.70 -24.30 -8.08
CA ASP A 147 -2.82 -24.44 -7.11
C ASP A 147 -2.66 -23.46 -5.96
N ARG A 148 -3.77 -23.14 -5.29
CA ARG A 148 -3.83 -22.19 -4.17
C ARG A 148 -4.62 -22.82 -3.03
N ILE A 149 -4.14 -22.64 -1.80
CA ILE A 149 -4.96 -22.88 -0.58
C ILE A 149 -5.88 -21.68 -0.38
N ILE A 150 -7.19 -21.94 -0.25
CA ILE A 150 -8.23 -20.92 0.02
C ILE A 150 -8.84 -21.26 1.37
N VAL A 151 -8.76 -20.31 2.29
CA VAL A 151 -9.53 -20.34 3.56
C VAL A 151 -10.54 -19.22 3.48
N GLN A 152 -11.82 -19.55 3.62
CA GLN A 152 -12.90 -18.52 3.61
C GLN A 152 -13.73 -18.68 4.86
N GLY A 153 -14.12 -17.55 5.44
CA GLY A 153 -14.95 -17.49 6.65
C GLY A 153 -15.99 -16.40 6.58
N GLU A 154 -16.99 -16.47 7.45
CA GLU A 154 -18.09 -15.48 7.55
C GLU A 154 -17.88 -14.64 8.81
N LEU A 155 -18.19 -13.34 8.72
CA LEU A 155 -18.04 -12.38 9.84
C LEU A 155 -18.93 -12.81 11.00
N GLN A 156 -18.35 -13.01 12.18
CA GLN A 156 -19.05 -13.47 13.40
C GLN A 156 -19.27 -12.26 14.32
N SER A 157 -18.31 -11.34 14.45
CA SER A 157 -18.42 -10.14 15.32
C SER A 157 -17.52 -8.97 14.86
N VAL A 158 -17.97 -7.75 15.15
CA VAL A 158 -17.21 -6.48 14.95
C VAL A 158 -17.21 -5.75 16.30
N LYS A 159 -16.07 -5.29 16.79
CA LYS A 159 -15.95 -4.67 18.14
C LYS A 159 -15.24 -3.32 18.03
N LYS A 160 -15.22 -2.54 19.11
CA LYS A 160 -14.22 -1.45 19.32
C LYS A 160 -12.86 -2.11 19.63
N ALA A 161 -11.80 -1.60 19.00
CA ALA A 161 -10.40 -2.03 19.20
C ALA A 161 -9.91 -1.50 20.56
N ASN A 162 -10.21 -2.22 21.65
CA ASN A 162 -9.75 -1.87 23.03
C ASN A 162 -8.68 -2.87 23.46
N GLN A 163 -8.16 -2.70 24.69
CA GLN A 163 -7.28 -3.64 25.42
C GLN A 163 -7.71 -5.10 25.22
N LYS A 164 -8.93 -5.43 25.64
CA LYS A 164 -9.50 -6.81 25.66
C LYS A 164 -9.38 -7.41 24.25
N ASN A 165 -9.89 -6.70 23.22
CA ASN A 165 -10.08 -7.17 21.81
C ASN A 165 -8.74 -7.22 21.05
N LEU A 166 -7.75 -6.37 21.44
CA LEU A 166 -6.46 -6.21 20.72
C LEU A 166 -5.40 -7.14 21.29
N LYS A 167 -5.62 -7.73 22.48
CA LYS A 167 -4.63 -8.61 23.15
C LYS A 167 -4.02 -9.63 22.17
N ILE A 168 -4.84 -10.25 21.30
CA ILE A 168 -4.44 -11.38 20.38
C ILE A 168 -3.49 -10.92 19.26
N PHE A 169 -3.33 -9.61 19.04
CA PHE A 169 -2.44 -9.06 17.97
C PHE A 169 -1.08 -8.66 18.55
N ASN B 26 -2.20 -5.13 -9.27
CA ASN B 26 -2.90 -5.22 -7.95
C ASN B 26 -2.05 -4.51 -6.87
N LEU B 27 -1.52 -3.34 -7.19
CA LEU B 27 -0.82 -2.47 -6.20
C LEU B 27 -1.80 -1.52 -5.49
N HIS B 28 -2.97 -1.23 -6.11
CA HIS B 28 -4.10 -0.46 -5.52
C HIS B 28 -3.68 0.98 -5.22
N PRO B 29 -3.65 1.88 -6.22
CA PRO B 29 -3.29 3.29 -5.99
C PRO B 29 -4.16 3.97 -4.93
N ILE B 30 -3.55 4.85 -4.13
CA ILE B 30 -4.22 5.65 -3.07
C ILE B 30 -4.38 7.08 -3.61
N GLY B 31 -3.86 7.37 -4.79
CA GLY B 31 -4.00 8.69 -5.43
C GLY B 31 -3.28 8.79 -6.77
N LYS B 32 -3.09 10.01 -7.28
CA LYS B 32 -2.32 10.33 -8.51
C LYS B 32 -1.60 11.66 -8.29
N ILE B 33 -0.45 11.86 -8.94
CA ILE B 33 0.39 13.09 -8.82
C ILE B 33 0.61 13.65 -10.23
N ALA B 34 0.58 14.96 -10.40
CA ALA B 34 0.74 15.63 -11.70
C ALA B 34 1.70 16.80 -11.51
N ILE B 35 2.71 16.86 -12.37
CA ILE B 35 3.61 18.04 -12.50
C ILE B 35 3.61 18.42 -13.97
N THR B 36 2.77 19.38 -14.31
CA THR B 36 2.44 19.77 -15.70
C THR B 36 3.71 20.36 -16.34
N SER B 37 4.55 21.03 -15.56
CA SER B 37 5.78 21.71 -16.06
C SER B 37 6.76 20.70 -16.68
N VAL B 38 6.70 19.42 -16.30
CA VAL B 38 7.60 18.34 -16.82
C VAL B 38 6.76 17.15 -17.30
N HIS B 39 5.47 17.35 -17.58
CA HIS B 39 4.57 16.30 -18.16
C HIS B 39 4.65 15.01 -17.35
N LEU B 40 4.67 15.09 -16.02
CA LEU B 40 4.64 13.91 -15.13
C LEU B 40 3.21 13.70 -14.62
N LYS B 41 2.68 12.49 -14.79
CA LYS B 41 1.37 12.08 -14.22
C LYS B 41 1.51 10.61 -13.81
N LEU B 42 1.52 10.32 -12.52
CA LEU B 42 1.76 8.97 -11.99
C LEU B 42 0.79 8.66 -10.86
N PRO B 43 0.51 7.37 -10.62
CA PRO B 43 -0.24 6.97 -9.44
C PRO B 43 0.58 7.24 -8.18
N ILE B 44 -0.12 7.52 -7.08
CA ILE B 44 0.44 7.50 -5.71
C ILE B 44 0.06 6.16 -5.09
N LEU B 45 1.04 5.50 -4.47
CA LEU B 45 0.88 4.17 -3.83
C LEU B 45 1.37 4.25 -2.40
N LYS B 46 0.82 3.40 -1.52
CA LYS B 46 1.19 3.45 -0.08
C LYS B 46 2.39 2.56 0.18
N GLY B 47 3.45 3.14 0.74
CA GLY B 47 4.69 2.42 1.05
C GLY B 47 5.66 2.39 -0.12
N LEU B 48 6.89 1.98 0.15
CA LEU B 48 8.03 2.00 -0.79
C LEU B 48 8.41 0.57 -1.19
N SER B 49 7.44 -0.30 -1.49
CA SER B 49 7.71 -1.60 -2.17
C SER B 49 8.43 -1.31 -3.48
N ASN B 50 9.25 -2.24 -3.96
CA ASN B 50 10.02 -2.06 -5.21
C ASN B 50 9.02 -1.85 -6.34
N ASP B 51 7.90 -2.57 -6.30
CA ASP B 51 6.81 -2.50 -7.31
C ASP B 51 6.23 -1.09 -7.33
N ASN B 52 5.90 -0.52 -6.16
CA ASN B 52 5.35 0.86 -5.98
C ASN B 52 6.32 1.88 -6.59
N LEU B 53 7.60 1.76 -6.25
CA LEU B 53 8.67 2.71 -6.70
C LEU B 53 8.89 2.56 -8.21
N SER B 54 8.53 1.43 -8.81
CA SER B 54 8.70 1.17 -10.27
C SER B 54 7.47 1.64 -11.05
N ALA B 55 6.34 1.86 -10.37
CA ALA B 55 5.03 2.15 -11.00
C ALA B 55 4.66 3.63 -10.86
N GLY B 56 5.13 4.29 -9.80
CA GLY B 56 4.82 5.70 -9.52
C GLY B 56 5.47 6.20 -8.24
N ALA B 57 4.74 7.04 -7.51
CA ALA B 57 5.23 7.71 -6.28
C ALA B 57 4.73 6.94 -5.05
N GLY B 58 5.65 6.46 -4.22
CA GLY B 58 5.31 5.74 -2.98
C GLY B 58 5.38 6.65 -1.77
N THR B 59 4.42 6.54 -0.85
CA THR B 59 4.39 7.32 0.42
C THR B 59 5.56 6.84 1.29
N MET B 60 6.42 7.76 1.73
CA MET B 60 7.70 7.42 2.40
C MET B 60 7.46 7.20 3.91
N LYS B 61 6.36 7.73 4.45
CA LYS B 61 6.01 7.62 5.90
C LYS B 61 4.59 7.05 6.05
N ALA B 62 4.36 6.23 7.07
CA ALA B 62 3.10 5.48 7.25
C ALA B 62 1.97 6.46 7.55
N ASP B 63 2.24 7.42 8.44
CA ASP B 63 1.24 8.38 8.99
C ASP B 63 1.56 9.76 8.45
N GLN B 64 1.26 9.97 7.16
CA GLN B 64 1.28 11.28 6.46
C GLN B 64 -0.10 11.43 5.82
N LYS B 65 -0.58 12.67 5.71
CA LYS B 65 -1.91 13.00 5.09
C LYS B 65 -1.68 14.10 4.06
N MET B 66 -2.37 14.01 2.92
CA MET B 66 -2.29 15.04 1.86
C MET B 66 -2.67 16.40 2.49
N GLY B 67 -1.88 17.44 2.20
CA GLY B 67 -2.16 18.82 2.63
C GLY B 67 -1.72 19.05 4.07
N GLU B 68 -1.07 18.08 4.69
CA GLU B 68 -0.63 18.18 6.11
C GLU B 68 0.87 17.95 6.18
N GLY B 69 1.50 18.47 7.25
CA GLY B 69 2.91 18.29 7.64
C GLY B 69 3.82 18.28 6.44
N ASN B 70 4.60 17.22 6.30
CA ASN B 70 5.48 16.98 5.13
C ASN B 70 5.06 15.67 4.46
N TYR B 71 4.33 15.78 3.36
CA TYR B 71 3.88 14.62 2.55
C TYR B 71 5.03 14.17 1.63
N ALA B 72 5.67 13.05 1.96
CA ALA B 72 6.92 12.57 1.32
C ALA B 72 6.64 11.42 0.33
N LEU B 73 7.15 11.55 -0.89
CA LEU B 73 6.92 10.60 -2.01
C LEU B 73 8.25 10.28 -2.64
N ALA B 74 8.55 8.99 -2.82
CA ALA B 74 9.76 8.50 -3.49
C ALA B 74 9.35 7.69 -4.72
N GLY B 75 10.12 7.81 -5.78
CA GLY B 75 9.96 7.02 -7.01
C GLY B 75 11.30 6.74 -7.64
N HIS B 76 11.42 5.62 -8.35
CA HIS B 76 12.66 5.27 -9.09
C HIS B 76 12.89 6.32 -10.17
N TYR B 77 14.16 6.65 -10.39
CA TYR B 77 14.64 7.59 -11.43
C TYR B 77 14.08 7.11 -12.77
N MET B 78 14.36 5.84 -13.10
CA MET B 78 13.79 5.17 -14.30
C MET B 78 13.55 3.69 -13.99
N THR B 79 12.91 3.00 -14.93
CA THR B 79 12.66 1.53 -14.90
C THR B 79 13.24 0.92 -16.18
N ASN B 80 13.12 -0.41 -16.32
CA ASN B 80 13.31 -1.13 -17.61
C ASN B 80 12.39 -0.49 -18.65
N GLN B 81 11.11 -0.31 -18.29
CA GLN B 81 10.02 0.31 -19.09
C GLN B 81 10.44 1.68 -19.61
N GLY B 82 11.01 2.53 -18.74
CA GLY B 82 11.56 3.85 -19.12
C GLY B 82 11.54 4.84 -17.96
N ILE B 83 11.55 6.15 -18.31
CA ILE B 83 11.63 7.32 -17.38
C ILE B 83 10.47 7.20 -16.39
N LEU B 84 10.66 7.55 -15.11
CA LEU B 84 9.59 7.57 -14.09
C LEU B 84 9.64 8.91 -13.34
N PHE B 85 10.47 9.00 -12.29
CA PHE B 85 10.56 10.21 -11.43
C PHE B 85 11.75 11.05 -11.88
N SER B 86 12.44 10.62 -12.94
CA SER B 86 13.58 11.34 -13.53
C SER B 86 13.22 12.81 -13.76
N PRO B 87 12.05 13.16 -14.37
CA PRO B 87 11.71 14.55 -14.66
C PRO B 87 11.82 15.57 -13.53
N LEU B 88 11.93 15.12 -12.29
CA LEU B 88 12.13 16.00 -11.10
C LEU B 88 13.36 16.87 -11.32
N LYS B 89 14.35 16.33 -12.04
CA LYS B 89 15.62 17.04 -12.40
C LYS B 89 15.29 18.32 -13.18
N ASN B 90 14.16 18.41 -13.86
CA ASN B 90 13.84 19.53 -14.77
C ASN B 90 12.83 20.47 -14.12
N VAL B 91 12.35 20.16 -12.92
CA VAL B 91 11.39 21.01 -12.15
C VAL B 91 12.14 22.26 -11.66
N GLN B 92 11.50 23.45 -11.74
CA GLN B 92 12.06 24.77 -11.32
C GLN B 92 11.39 25.27 -10.04
N THR B 93 12.13 25.98 -9.21
CA THR B 93 11.50 26.79 -8.16
C THR B 93 10.36 27.57 -8.83
N GLY B 94 9.18 27.58 -8.23
CA GLY B 94 7.99 28.29 -8.71
C GLY B 94 6.96 27.38 -9.36
N ASP B 95 7.40 26.28 -10.00
CA ASP B 95 6.49 25.31 -10.69
C ASP B 95 5.48 24.72 -9.69
N THR B 96 4.30 24.32 -10.18
CA THR B 96 3.21 23.73 -9.35
C THR B 96 3.27 22.20 -9.43
N VAL B 97 2.99 21.56 -8.29
CA VAL B 97 2.81 20.09 -8.12
C VAL B 97 1.42 19.87 -7.52
N ALA B 98 0.60 19.05 -8.16
CA ALA B 98 -0.74 18.69 -7.67
C ALA B 98 -0.80 17.21 -7.32
N ILE B 99 -1.43 16.89 -6.19
CA ILE B 99 -1.80 15.50 -5.81
C ILE B 99 -3.30 15.47 -5.49
N THR B 100 -3.92 14.31 -5.63
CA THR B 100 -5.36 14.09 -5.28
C THR B 100 -5.58 12.68 -4.74
N ASN B 101 -6.57 12.55 -3.85
CA ASN B 101 -7.10 11.27 -3.33
C ASN B 101 -8.50 11.06 -3.92
N MET B 102 -8.88 11.89 -4.91
CA MET B 102 -10.22 11.93 -5.59
C MET B 102 -11.29 12.52 -4.65
N LYS B 103 -10.92 13.01 -3.48
CA LYS B 103 -11.82 13.80 -2.59
C LYS B 103 -11.44 15.28 -2.73
N LYS B 104 -10.18 15.59 -2.47
CA LYS B 104 -9.62 16.97 -2.63
C LYS B 104 -8.39 16.93 -3.55
N VAL B 105 -8.07 18.07 -4.16
CA VAL B 105 -6.85 18.28 -4.98
C VAL B 105 -5.97 19.25 -4.19
N TYR B 106 -4.74 18.84 -3.90
CA TYR B 106 -3.75 19.65 -3.16
C TYR B 106 -2.73 20.17 -4.17
N THR B 107 -2.62 21.49 -4.35
CA THR B 107 -1.59 22.09 -5.24
C THR B 107 -0.48 22.73 -4.41
N TYR B 108 0.77 22.38 -4.70
CA TYR B 108 2.00 22.87 -4.05
C TYR B 108 2.79 23.75 -5.03
N LYS B 109 3.58 24.70 -4.53
CA LYS B 109 4.52 25.52 -5.33
C LYS B 109 5.91 25.10 -4.90
N VAL B 110 6.74 24.65 -5.84
CA VAL B 110 8.14 24.21 -5.59
C VAL B 110 8.94 25.38 -5.00
N THR B 111 9.57 25.18 -3.86
CA THR B 111 10.37 26.21 -3.16
C THR B 111 11.85 25.89 -3.27
N THR B 112 12.22 24.64 -3.50
CA THR B 112 13.64 24.26 -3.70
C THR B 112 13.75 22.94 -4.48
N LYS B 113 14.83 22.82 -5.25
CA LYS B 113 15.33 21.53 -5.78
C LYS B 113 16.83 21.41 -5.43
N GLN B 114 17.22 20.30 -4.80
CA GLN B 114 18.63 20.03 -4.36
C GLN B 114 19.03 18.59 -4.73
N ILE B 115 20.32 18.36 -5.02
CA ILE B 115 20.90 16.98 -5.10
C ILE B 115 21.62 16.74 -3.77
N VAL B 116 21.17 15.78 -2.96
CA VAL B 116 21.65 15.54 -1.56
C VAL B 116 22.04 14.07 -1.40
N ASN B 117 22.89 13.78 -0.42
CA ASN B 117 23.30 12.41 -0.05
C ASN B 117 22.09 11.63 0.51
N GLU B 118 22.05 10.32 0.28
CA GLU B 118 20.96 9.42 0.72
C GLU B 118 20.78 9.48 2.25
N THR B 119 21.83 9.86 2.99
CA THR B 119 21.83 9.88 4.48
C THR B 119 20.99 11.02 5.03
N GLN B 120 20.67 12.05 4.22
CA GLN B 120 19.97 13.28 4.70
C GLN B 120 18.46 13.00 4.84
N VAL B 121 18.07 12.16 5.82
CA VAL B 121 16.67 11.69 6.04
C VAL B 121 15.79 12.87 6.49
N GLN B 122 16.38 13.96 6.99
CA GLN B 122 15.68 15.11 7.61
C GLN B 122 14.70 15.76 6.61
N TRP B 123 14.95 15.60 5.32
CA TRP B 123 14.15 16.26 4.25
C TRP B 123 12.69 15.80 4.27
N ILE B 124 12.38 14.61 4.80
CA ILE B 124 10.99 14.08 4.77
C ILE B 124 10.28 14.37 6.10
N ASP B 125 10.96 14.94 7.10
CA ASP B 125 10.37 15.18 8.45
C ASP B 125 9.35 16.30 8.37
N ASP B 126 8.26 16.22 9.13
CA ASP B 126 7.26 17.31 9.24
C ASP B 126 8.00 18.57 9.70
N VAL B 127 7.64 19.74 9.17
CA VAL B 127 8.19 21.05 9.62
C VAL B 127 7.06 21.84 10.25
N ALA B 128 7.19 22.20 11.53
CA ALA B 128 6.15 22.89 12.34
C ALA B 128 5.73 24.20 11.66
N GLY B 129 4.43 24.43 11.51
CA GLY B 129 3.84 25.64 10.91
C GLY B 129 3.91 25.69 9.38
N LYS B 130 4.41 24.64 8.70
CA LYS B 130 4.54 24.58 7.21
C LYS B 130 3.80 23.35 6.67
N LYS B 131 3.18 23.45 5.51
CA LYS B 131 2.48 22.32 4.82
C LYS B 131 3.25 22.03 3.53
N LEU B 132 4.00 20.91 3.50
CA LEU B 132 5.07 20.67 2.50
C LEU B 132 4.78 19.38 1.76
N ILE B 133 5.28 19.31 0.51
CA ILE B 133 5.43 18.05 -0.26
C ILE B 133 6.93 17.88 -0.55
N THR B 134 7.44 16.66 -0.39
CA THR B 134 8.87 16.34 -0.65
C THR B 134 8.93 15.15 -1.59
N LEU B 135 9.52 15.37 -2.76
CA LEU B 135 9.64 14.34 -3.83
C LEU B 135 11.09 13.89 -3.90
N VAL B 136 11.31 12.59 -3.89
CA VAL B 136 12.66 11.99 -3.77
C VAL B 136 12.86 10.99 -4.91
N THR B 137 13.98 11.07 -5.60
CA THR B 137 14.43 10.05 -6.55
C THR B 137 15.95 10.01 -6.54
N CYS B 138 16.54 8.95 -7.11
CA CYS B 138 18.01 8.79 -7.23
C CYS B 138 18.52 9.94 -8.11
N ALA B 139 19.76 10.39 -7.89
CA ALA B 139 20.37 11.51 -8.63
C ALA B 139 20.74 11.07 -10.06
N SER B 140 20.76 9.76 -10.32
CA SER B 140 21.02 9.17 -11.66
C SER B 140 20.53 7.73 -11.68
N PRO B 141 20.52 7.07 -12.86
CA PRO B 141 20.13 5.66 -12.95
C PRO B 141 21.30 4.69 -12.67
N THR B 142 22.52 5.19 -12.44
CA THR B 142 23.76 4.39 -12.27
C THR B 142 23.64 3.52 -11.01
N GLU B 143 24.13 2.29 -11.10
CA GLU B 143 24.10 1.23 -10.04
C GLU B 143 24.70 1.78 -8.75
N GLY B 144 23.99 1.60 -7.64
CA GLY B 144 24.40 2.07 -6.30
C GLY B 144 24.62 3.58 -6.21
N GLU B 145 23.75 4.39 -6.80
CA GLU B 145 23.80 5.87 -6.71
C GLU B 145 23.50 6.25 -5.25
N VAL B 146 24.37 7.04 -4.62
CA VAL B 146 24.26 7.43 -3.17
C VAL B 146 23.56 8.79 -3.02
N ASP B 147 23.44 9.58 -4.09
CA ASP B 147 22.80 10.93 -4.02
C ASP B 147 21.33 10.82 -4.44
N ARG B 148 20.51 11.79 -4.01
CA ARG B 148 19.06 11.85 -4.29
C ARG B 148 18.69 13.25 -4.79
N ILE B 149 17.81 13.34 -5.80
CA ILE B 149 17.15 14.62 -6.21
C ILE B 149 15.98 14.84 -5.26
N ILE B 150 15.94 16.01 -4.63
CA ILE B 150 14.86 16.45 -3.71
C ILE B 150 14.16 17.65 -4.35
N VAL B 151 12.88 17.52 -4.59
CA VAL B 151 11.99 18.65 -4.94
C VAL B 151 11.04 18.83 -3.76
N GLN B 152 11.05 20.02 -3.15
CA GLN B 152 10.15 20.34 -2.03
C GLN B 152 9.34 21.58 -2.39
N GLY B 153 8.07 21.59 -2.03
CA GLY B 153 7.16 22.71 -2.28
C GLY B 153 6.25 22.94 -1.10
N GLU B 154 5.64 24.13 -1.05
CA GLU B 154 4.68 24.53 0.01
C GLU B 154 3.28 24.49 -0.59
N LEU B 155 2.30 24.07 0.21
CA LEU B 155 0.87 23.99 -0.21
C LEU B 155 0.37 25.38 -0.63
N GLN B 156 -0.16 25.49 -1.85
CA GLN B 156 -0.65 26.74 -2.47
C GLN B 156 -2.18 26.77 -2.36
N SER B 157 -2.88 25.64 -2.58
CA SER B 157 -4.37 25.53 -2.47
C SER B 157 -4.84 24.09 -2.20
N VAL B 158 -5.99 23.94 -1.54
CA VAL B 158 -6.74 22.66 -1.38
C VAL B 158 -8.15 22.91 -1.92
N LYS B 159 -8.61 22.12 -2.88
CA LYS B 159 -9.94 22.35 -3.52
C LYS B 159 -10.71 21.02 -3.53
N LYS B 160 -12.02 21.10 -3.74
CA LYS B 160 -12.87 19.91 -4.04
C LYS B 160 -12.43 19.31 -5.39
N ALA B 161 -12.30 17.97 -5.41
CA ALA B 161 -11.94 17.18 -6.60
C ALA B 161 -13.15 17.14 -7.54
N ASN B 162 -13.33 18.18 -8.38
CA ASN B 162 -14.40 18.23 -9.41
C ASN B 162 -13.79 18.07 -10.80
N GLN B 163 -14.62 18.07 -11.84
CA GLN B 163 -14.27 18.15 -13.29
C GLN B 163 -13.09 19.11 -13.55
N LYS B 164 -13.27 20.39 -13.20
CA LYS B 164 -12.30 21.47 -13.48
C LYS B 164 -10.93 21.10 -12.90
N ASN B 165 -10.88 20.73 -11.60
CA ASN B 165 -9.64 20.53 -10.79
C ASN B 165 -8.95 19.19 -11.13
N LEU B 166 -9.72 18.18 -11.60
CA LEU B 166 -9.23 16.80 -11.85
C LEU B 166 -8.73 16.66 -13.29
N LYS B 167 -9.03 17.61 -14.17
CA LYS B 167 -8.66 17.54 -15.61
C LYS B 167 -7.19 17.09 -15.79
N ILE B 168 -6.24 17.62 -15.01
CA ILE B 168 -4.76 17.43 -15.18
C ILE B 168 -4.33 15.99 -14.85
N PHE B 169 -5.19 15.19 -14.22
CA PHE B 169 -4.86 13.79 -13.82
C PHE B 169 -5.42 12.79 -14.83
#